data_3VXB
#
_entry.id   3VXB
#
_cell.length_a   44.634
_cell.length_b   63.272
_cell.length_c   66.402
_cell.angle_alpha   90.00
_cell.angle_beta   103.05
_cell.angle_gamma   90.00
#
_symmetry.space_group_name_H-M   'P 1 21 1'
#
loop_
_entity.id
_entity.type
_entity.pdbx_description
1 polymer 'Putative sugar-binding lipoprotein'
2 non-polymer GLYCEROL
3 water water
#
_entity_poly.entity_id   1
_entity_poly.type   'polypeptide(L)'
_entity_poly.pdbx_seq_one_letter_code
;MQSYSRRWFLGAGATTLISAAGLTACGSGSGSGGSGGTITAMVYGDDAVKVQDKAASRFNASAEAKKANAKVKMERIPAS
DYPAKLRTAMGSPNAPDIFFNWGGGSIKAYKEAGQLVDLTDVIKSDEVLSTGFLPSVVAAGSLDGHEYGIPMRGMQPVLL
FYNKSVFAEHKLTPPTTWDQLLDNVAKLKKAGVTPFALGGVEIWPELMWLEYLVDRIGGPQVFDKIRNGDASGWGDPAVL
KAAQTVKQLVDEGAFGKGFSSVSYNNGGAPALLAKGKAGMHLMGSWEYSTQLGKFPDFAKKDLGWCAFPSFEGGAGDIRN
VVGNPCNYWSVNARTGNKDGAIAFLRDCASEAYTKDLIDNGDVPTTTIAENMLDSSPNPEFAKFQYQLVQKAPNFTLSWD
QAVDPDWQQPMLTEINKLFVGKSSPEQFVSALKGLK
;
_entity_poly.pdbx_strand_id   A
#
# COMPACT_ATOMS: atom_id res chain seq x y z
N THR A 38 12.90 15.19 -25.72
CA THR A 38 11.60 14.86 -25.05
C THR A 38 11.51 13.42 -24.43
N ILE A 39 11.31 13.41 -23.12
CA ILE A 39 11.18 12.22 -22.32
C ILE A 39 9.67 12.03 -22.03
N THR A 40 9.06 11.00 -22.60
CA THR A 40 7.63 10.76 -22.43
C THR A 40 7.37 10.04 -21.08
N ALA A 41 6.48 10.56 -20.28
CA ALA A 41 6.15 9.98 -18.97
C ALA A 41 4.67 9.61 -18.97
N MET A 42 4.40 8.31 -18.88
CA MET A 42 3.03 7.90 -18.81
C MET A 42 2.59 7.81 -17.34
N VAL A 43 1.50 8.49 -17.04
CA VAL A 43 1.06 8.65 -15.64
C VAL A 43 -0.42 8.46 -15.39
N TYR A 44 -0.77 8.10 -14.17
CA TYR A 44 -2.10 7.73 -13.78
C TYR A 44 -2.84 9.03 -13.57
N GLY A 45 -3.82 9.34 -14.40
CA GLY A 45 -4.40 10.69 -14.40
C GLY A 45 -5.58 10.93 -13.47
N ASP A 46 -5.45 10.62 -12.18
CA ASP A 46 -6.43 11.06 -11.20
C ASP A 46 -6.01 12.46 -10.75
N ASP A 47 -6.69 13.05 -9.78
CA ASP A 47 -6.52 14.43 -9.43
C ASP A 47 -5.06 14.66 -9.03
N ALA A 48 -4.45 13.66 -8.40
CA ALA A 48 -3.11 13.82 -7.89
C ALA A 48 -2.04 14.03 -8.96
N VAL A 49 -2.36 13.81 -10.23
CA VAL A 49 -1.39 14.11 -11.30
C VAL A 49 -0.84 15.52 -11.27
N LYS A 50 -1.56 16.45 -10.63
CA LYS A 50 -1.08 17.83 -10.63
C LYS A 50 0.32 17.90 -10.04
N VAL A 51 0.66 16.95 -9.14
CA VAL A 51 2.00 16.97 -8.55
C VAL A 51 3.10 16.66 -9.57
N GLN A 52 2.83 15.69 -10.44
CA GLN A 52 3.74 15.31 -11.54
C GLN A 52 3.79 16.40 -12.63
N ASP A 53 2.67 17.12 -12.81
CA ASP A 53 2.73 18.28 -13.78
C ASP A 53 3.58 19.47 -13.26
N LYS A 54 3.47 19.75 -11.95
CA LYS A 54 4.29 20.75 -11.30
C LYS A 54 5.69 20.32 -11.33
N ALA A 55 5.92 19.01 -11.18
CA ALA A 55 7.30 18.49 -11.29
C ALA A 55 7.88 18.63 -12.70
N ALA A 56 7.08 18.31 -13.72
CA ALA A 56 7.53 18.45 -15.09
C ALA A 56 7.83 19.92 -15.36
N SER A 57 6.96 20.81 -14.87
CA SER A 57 7.19 22.27 -15.10
C SER A 57 8.50 22.76 -14.47
N ARG A 58 8.69 22.42 -13.19
CA ARG A 58 9.92 22.73 -12.44
C ARG A 58 11.16 22.15 -13.10
N PHE A 59 11.10 20.84 -13.41
CA PHE A 59 12.19 20.20 -14.06
C PHE A 59 12.52 20.83 -15.43
N ASN A 60 11.52 21.13 -16.23
CA ASN A 60 11.80 21.59 -17.59
C ASN A 60 12.44 22.97 -17.61
N ALA A 61 12.18 23.75 -16.57
CA ALA A 61 12.80 25.05 -16.41
C ALA A 61 14.17 24.99 -15.69
N SER A 62 14.59 23.83 -15.17
CA SER A 62 15.82 23.78 -14.36
C SER A 62 17.10 23.68 -15.17
N ALA A 63 18.18 24.14 -14.54
CA ALA A 63 19.52 23.94 -15.11
C ALA A 63 19.81 22.46 -15.42
N GLU A 64 19.40 21.54 -14.54
CA GLU A 64 19.67 20.10 -14.70
C GLU A 64 19.07 19.50 -15.98
N ALA A 65 17.84 19.89 -16.31
CA ALA A 65 17.13 19.44 -17.51
C ALA A 65 17.85 19.96 -18.75
N LYS A 66 18.08 21.27 -18.76
CA LYS A 66 18.82 21.89 -19.90
C LYS A 66 20.19 21.26 -20.09
N LYS A 67 20.90 21.01 -18.98
CA LYS A 67 22.18 20.30 -19.03
C LYS A 67 22.01 18.96 -19.75
N ALA A 68 20.94 18.24 -19.46
CA ALA A 68 20.71 16.90 -20.03
C ALA A 68 20.05 16.98 -21.38
N ASN A 69 19.79 18.20 -21.86
CA ASN A 69 19.08 18.44 -23.13
C ASN A 69 17.76 17.64 -23.11
N ALA A 70 17.06 17.66 -21.96
CA ALA A 70 15.78 16.95 -21.83
C ALA A 70 14.59 17.81 -21.38
N LYS A 71 13.40 17.44 -21.83
CA LYS A 71 12.14 18.04 -21.41
C LYS A 71 11.23 16.85 -21.19
N VAL A 72 10.48 16.86 -20.07
CA VAL A 72 9.57 15.78 -19.76
C VAL A 72 8.18 16.12 -20.25
N LYS A 73 7.51 15.16 -20.89
CA LYS A 73 6.19 15.33 -21.36
C LYS A 73 5.37 14.37 -20.54
N MET A 74 4.51 14.90 -19.65
CA MET A 74 3.68 14.11 -18.78
C MET A 74 2.38 13.75 -19.50
N GLU A 75 2.14 12.48 -19.73
CA GLU A 75 0.99 11.99 -20.50
C GLU A 75 0.02 11.28 -19.57
N ARG A 76 -1.08 11.96 -19.27
CA ARG A 76 -2.04 11.42 -18.31
C ARG A 76 -2.92 10.40 -19.01
N ILE A 77 -3.21 9.29 -18.33
CA ILE A 77 -4.11 8.24 -18.86
C ILE A 77 -5.19 8.03 -17.83
N PRO A 78 -6.47 7.81 -18.25
CA PRO A 78 -7.51 7.72 -17.26
C PRO A 78 -7.26 6.55 -16.28
N ALA A 79 -7.67 6.71 -15.03
CA ALA A 79 -7.39 5.72 -13.98
C ALA A 79 -7.85 4.31 -14.38
N SER A 80 -9.10 4.18 -14.81
CA SER A 80 -9.64 2.87 -15.21
C SER A 80 -8.97 2.26 -16.43
N ASP A 81 -8.41 3.06 -17.35
CA ASP A 81 -7.76 2.53 -18.55
C ASP A 81 -6.27 2.24 -18.35
N TYR A 82 -5.72 2.57 -17.18
CA TYR A 82 -4.26 2.67 -17.06
C TYR A 82 -3.55 1.33 -17.29
N PRO A 83 -3.92 0.27 -16.54
CA PRO A 83 -3.17 -0.98 -16.81
C PRO A 83 -3.19 -1.43 -18.29
N ALA A 84 -4.36 -1.47 -18.93
CA ALA A 84 -4.38 -1.89 -20.34
C ALA A 84 -3.63 -0.96 -21.27
N LYS A 85 -3.81 0.36 -21.11
CA LYS A 85 -3.13 1.29 -21.97
C LYS A 85 -1.60 1.25 -21.82
N LEU A 86 -1.11 1.00 -20.61
CA LEU A 86 0.34 0.78 -20.40
C LEU A 86 0.83 -0.46 -21.13
N ARG A 87 0.11 -1.57 -20.94
CA ARG A 87 0.34 -2.80 -21.74
C ARG A 87 0.46 -2.50 -23.25
N THR A 88 -0.57 -1.91 -23.86
CA THR A 88 -0.52 -1.52 -25.29
C THR A 88 0.71 -0.67 -25.67
N ALA A 89 0.91 0.45 -24.98
CA ALA A 89 2.10 1.30 -25.16
C ALA A 89 3.44 0.57 -25.04
N MET A 90 3.58 -0.29 -24.03
CA MET A 90 4.88 -0.95 -23.85
C MET A 90 5.17 -2.02 -24.93
N GLY A 91 4.12 -2.55 -25.54
CA GLY A 91 4.27 -3.61 -26.55
C GLY A 91 4.39 -3.07 -27.98
N SER A 92 4.66 -1.76 -28.11
CA SER A 92 4.84 -1.13 -29.43
C SER A 92 5.99 -0.13 -29.43
N PRO A 93 6.45 0.30 -30.62
CA PRO A 93 7.38 1.45 -30.70
C PRO A 93 6.69 2.67 -30.07
N ASN A 94 7.42 3.72 -29.72
CA ASN A 94 6.79 4.85 -28.96
C ASN A 94 6.21 4.43 -27.59
N ALA A 95 6.73 3.35 -27.01
CA ALA A 95 6.49 3.03 -25.58
C ALA A 95 6.99 4.25 -24.77
N PRO A 96 6.41 4.50 -23.58
CA PRO A 96 6.91 5.64 -22.80
C PRO A 96 8.36 5.44 -22.38
N ASP A 97 9.09 6.54 -22.23
CA ASP A 97 10.40 6.51 -21.63
C ASP A 97 10.36 6.17 -20.14
N ILE A 98 9.41 6.76 -19.41
CA ILE A 98 9.20 6.42 -17.96
C ILE A 98 7.70 6.20 -17.75
N PHE A 99 7.33 5.40 -16.75
CA PHE A 99 5.93 5.14 -16.55
C PHE A 99 5.62 4.85 -15.12
N PHE A 100 4.39 5.21 -14.76
CA PHE A 100 3.86 5.12 -13.40
C PHE A 100 3.54 3.62 -13.20
N ASN A 101 3.89 3.11 -12.03
CA ASN A 101 3.46 1.76 -11.68
C ASN A 101 3.35 1.53 -10.14
N TRP A 102 3.01 0.29 -9.75
CA TRP A 102 2.83 -0.03 -8.31
C TRP A 102 3.96 -0.87 -7.73
N GLY A 103 4.93 -1.21 -8.55
CA GLY A 103 6.08 -2.04 -8.14
C GLY A 103 5.64 -3.50 -8.21
N GLY A 104 6.52 -4.42 -7.83
CA GLY A 104 6.12 -5.87 -7.79
C GLY A 104 5.48 -6.38 -9.09
N GLY A 105 4.35 -7.06 -8.97
CA GLY A 105 3.71 -7.69 -10.13
C GLY A 105 3.20 -6.74 -11.20
N SER A 106 2.92 -5.49 -10.80
CA SER A 106 2.50 -4.51 -11.75
C SER A 106 3.57 -4.33 -12.87
N ILE A 107 4.83 -4.72 -12.60
CA ILE A 107 5.88 -4.55 -13.57
C ILE A 107 6.62 -5.86 -13.97
N LYS A 108 6.17 -6.99 -13.45
CA LYS A 108 6.73 -8.31 -13.77
C LYS A 108 6.95 -8.64 -15.23
N ALA A 109 5.92 -8.48 -16.03
CA ALA A 109 5.95 -8.78 -17.43
C ALA A 109 6.97 -7.89 -18.17
N TYR A 110 7.10 -6.62 -17.79
CA TYR A 110 8.09 -5.74 -18.40
C TYR A 110 9.49 -6.10 -18.01
N LYS A 111 9.69 -6.44 -16.75
CA LYS A 111 10.99 -6.91 -16.25
C LYS A 111 11.42 -8.19 -17.02
N GLU A 112 10.52 -9.19 -17.05
CA GLU A 112 10.64 -10.42 -17.88
C GLU A 112 10.88 -10.16 -19.38
N ALA A 113 10.20 -9.16 -19.95
CA ALA A 113 10.33 -8.83 -21.35
C ALA A 113 11.65 -8.06 -21.64
N GLY A 114 12.54 -7.96 -20.66
CA GLY A 114 13.77 -7.14 -20.75
C GLY A 114 13.57 -5.63 -20.98
N GLN A 115 12.40 -5.09 -20.60
CA GLN A 115 12.03 -3.74 -20.98
C GLN A 115 12.33 -2.65 -19.97
N LEU A 116 13.05 -2.96 -18.89
CA LEU A 116 13.23 -1.98 -17.79
C LEU A 116 14.67 -1.76 -17.46
N VAL A 117 14.98 -0.55 -17.06
CA VAL A 117 16.28 -0.24 -16.59
C VAL A 117 16.38 -0.67 -15.14
N ASP A 118 17.30 -1.60 -14.85
CA ASP A 118 17.58 -1.92 -13.45
C ASP A 118 18.17 -0.71 -12.73
N LEU A 119 17.45 -0.20 -11.72
CA LEU A 119 17.88 1.05 -11.04
C LEU A 119 18.78 0.81 -9.81
N THR A 120 19.05 -0.46 -9.51
CA THR A 120 19.69 -0.80 -8.23
C THR A 120 21.00 -0.02 -8.09
N ASP A 121 21.80 -0.09 -9.15
CA ASP A 121 23.09 0.58 -9.11
C ASP A 121 23.05 2.04 -9.40
N VAL A 122 22.10 2.43 -10.24
CA VAL A 122 21.85 3.85 -10.45
C VAL A 122 21.55 4.55 -9.15
N ILE A 123 20.57 4.03 -8.39
CA ILE A 123 20.28 4.55 -7.04
C ILE A 123 21.53 4.61 -6.13
N LYS A 124 22.25 3.46 -6.02
CA LYS A 124 23.40 3.39 -5.13
C LYS A 124 24.47 4.45 -5.51
N SER A 125 24.73 4.67 -6.80
CA SER A 125 25.74 5.62 -7.25
C SER A 125 25.36 7.10 -7.05
N ASP A 126 24.06 7.37 -6.94
CA ASP A 126 23.58 8.75 -7.00
C ASP A 126 23.54 9.50 -5.68
N GLU A 127 24.15 10.67 -5.59
CA GLU A 127 24.15 11.36 -4.29
C GLU A 127 22.69 11.69 -3.81
N VAL A 128 21.81 11.97 -4.77
CA VAL A 128 20.40 12.35 -4.46
C VAL A 128 19.57 11.10 -4.18
N LEU A 129 19.64 10.12 -5.07
CA LEU A 129 18.77 8.94 -4.98
C LEU A 129 19.15 8.03 -3.82
N SER A 130 20.46 7.88 -3.55
CA SER A 130 20.95 6.93 -2.52
C SER A 130 20.49 7.33 -1.13
N THR A 131 20.34 8.61 -0.85
CA THR A 131 19.88 9.02 0.48
C THR A 131 18.53 9.77 0.49
N GLY A 132 17.76 9.69 -0.61
CA GLY A 132 16.67 10.64 -0.83
C GLY A 132 15.32 10.09 -0.33
N PHE A 133 15.23 8.76 -0.10
CA PHE A 133 14.00 8.07 0.27
C PHE A 133 14.12 7.16 1.48
N LEU A 134 13.00 6.92 2.17
CA LEU A 134 13.02 5.80 3.14
C LEU A 134 13.34 4.49 2.46
N PRO A 135 14.39 3.79 2.92
CA PRO A 135 14.85 2.58 2.19
C PRO A 135 13.78 1.49 2.09
N SER A 136 12.91 1.41 3.09
CA SER A 136 11.92 0.32 3.05
C SER A 136 10.88 0.48 1.92
N VAL A 137 10.59 1.73 1.60
CA VAL A 137 9.63 2.06 0.58
C VAL A 137 10.26 1.71 -0.79
N VAL A 138 11.56 1.96 -0.95
CA VAL A 138 12.15 1.69 -2.28
C VAL A 138 12.25 0.22 -2.46
N ALA A 139 12.57 -0.49 -1.38
CA ALA A 139 12.64 -1.97 -1.41
C ALA A 139 11.27 -2.62 -1.63
N ALA A 140 10.18 -1.96 -1.23
CA ALA A 140 8.90 -2.66 -1.19
C ALA A 140 8.47 -3.18 -2.58
N GLY A 141 8.77 -2.41 -3.61
CA GLY A 141 8.28 -2.78 -4.93
C GLY A 141 9.40 -3.45 -5.74
N SER A 142 10.50 -3.88 -5.07
CA SER A 142 11.60 -4.49 -5.80
C SER A 142 11.14 -5.82 -6.45
N LEU A 143 11.91 -6.32 -7.42
CA LEU A 143 11.78 -7.67 -8.03
C LEU A 143 13.11 -8.38 -7.93
N ASP A 144 13.13 -9.54 -7.25
CA ASP A 144 14.37 -10.33 -7.04
C ASP A 144 15.51 -9.60 -6.39
N GLY A 145 15.19 -8.85 -5.35
CA GLY A 145 16.22 -8.02 -4.73
C GLY A 145 16.70 -6.85 -5.60
N HIS A 146 16.15 -6.66 -6.81
CA HIS A 146 16.56 -5.50 -7.65
C HIS A 146 15.45 -4.43 -7.64
N GLU A 147 15.85 -3.18 -7.56
CA GLU A 147 14.94 -2.04 -7.60
C GLU A 147 14.78 -1.49 -8.99
N TYR A 148 13.53 -1.33 -9.42
CA TYR A 148 13.22 -0.84 -10.75
C TYR A 148 12.34 0.41 -10.66
N GLY A 149 12.03 0.80 -9.43
CA GLY A 149 11.15 2.01 -9.17
C GLY A 149 11.72 3.10 -8.29
N ILE A 150 11.44 4.36 -8.63
CA ILE A 150 11.68 5.51 -7.76
C ILE A 150 10.32 6.00 -7.19
N PRO A 151 10.21 6.17 -5.86
CA PRO A 151 8.94 6.59 -5.29
C PRO A 151 8.47 7.95 -5.82
N MET A 152 7.23 8.01 -6.26
CA MET A 152 6.74 9.28 -6.80
C MET A 152 5.43 9.75 -6.20
N ARG A 153 4.72 8.90 -5.42
CA ARG A 153 3.58 9.45 -4.73
C ARG A 153 3.67 9.20 -3.22
N GLY A 154 2.59 9.40 -2.44
CA GLY A 154 2.61 9.25 -0.98
C GLY A 154 2.55 7.80 -0.55
N MET A 155 3.00 7.51 0.66
CA MET A 155 2.80 6.16 1.27
C MET A 155 1.36 6.07 1.79
N GLN A 156 0.79 4.86 1.68
CA GLN A 156 -0.52 4.61 2.33
C GLN A 156 -0.45 3.29 3.11
N PRO A 157 0.15 3.30 4.33
CA PRO A 157 0.18 2.08 5.15
C PRO A 157 -1.24 1.72 5.59
N VAL A 158 -1.48 0.42 5.81
CA VAL A 158 -2.73 -0.01 6.41
C VAL A 158 -2.61 0.17 7.91
N LEU A 159 -3.62 0.77 8.51
CA LEU A 159 -3.64 1.01 9.96
C LEU A 159 -4.89 0.41 10.56
N LEU A 160 -4.88 0.27 11.90
CA LEU A 160 -6.11 -0.12 12.63
C LEU A 160 -6.81 1.13 13.12
N PHE A 161 -7.86 1.54 12.43
CA PHE A 161 -8.62 2.71 12.84
C PHE A 161 -9.67 2.26 13.89
N TYR A 162 -10.14 3.20 14.70
CA TYR A 162 -11.18 2.84 15.69
C TYR A 162 -11.99 4.06 15.99
N ASN A 163 -13.15 3.82 16.59
CA ASN A 163 -14.08 4.86 16.99
C ASN A 163 -13.85 5.18 18.47
N LYS A 164 -13.29 6.35 18.75
CA LYS A 164 -12.87 6.66 20.13
C LYS A 164 -14.11 6.78 21.08
N SER A 165 -15.25 7.20 20.53
CA SER A 165 -16.49 7.31 21.32
C SER A 165 -17.02 5.91 21.77
N VAL A 166 -16.97 4.91 20.89
CA VAL A 166 -17.38 3.52 21.23
C VAL A 166 -16.41 2.99 22.29
N PHE A 167 -15.12 3.26 22.07
CA PHE A 167 -14.03 2.86 22.98
C PHE A 167 -14.20 3.48 24.39
N ALA A 168 -14.46 4.79 24.41
CA ALA A 168 -14.78 5.55 25.64
C ALA A 168 -15.96 4.91 26.40
N GLU A 169 -17.12 4.81 25.75
CA GLU A 169 -18.29 4.18 26.39
C GLU A 169 -18.12 2.76 26.87
N HIS A 170 -17.16 2.00 26.33
CA HIS A 170 -17.02 0.61 26.78
C HIS A 170 -15.68 0.32 27.45
N LYS A 171 -14.98 1.38 27.84
CA LYS A 171 -13.70 1.27 28.55
C LYS A 171 -12.66 0.45 27.84
N LEU A 172 -12.52 0.68 26.51
CA LEU A 172 -11.55 -0.08 25.73
C LEU A 172 -10.43 0.84 25.38
N THR A 173 -9.26 0.25 25.19
CA THR A 173 -8.13 0.97 24.66
C THR A 173 -7.70 0.26 23.37
N PRO A 174 -7.03 1.02 22.48
CA PRO A 174 -6.42 0.45 21.25
C PRO A 174 -5.50 -0.74 21.56
N PRO A 175 -5.67 -1.87 20.85
CA PRO A 175 -4.95 -3.03 21.31
C PRO A 175 -3.51 -3.01 20.81
N THR A 176 -2.54 -3.33 21.68
CA THR A 176 -1.13 -3.38 21.30
C THR A 176 -0.71 -4.83 21.08
N THR A 177 -1.44 -5.78 21.68
CA THR A 177 -1.17 -7.22 21.50
C THR A 177 -2.43 -7.90 20.94
N TRP A 178 -2.24 -9.10 20.39
CA TRP A 178 -3.29 -9.94 19.87
C TRP A 178 -4.29 -10.33 20.98
N ASP A 179 -3.81 -10.63 22.20
CA ASP A 179 -4.75 -10.88 23.30
C ASP A 179 -5.62 -9.69 23.58
N GLN A 180 -5.07 -8.47 23.54
CA GLN A 180 -5.86 -7.26 23.77
C GLN A 180 -6.87 -7.05 22.67
N LEU A 181 -6.44 -7.32 21.45
CA LEU A 181 -7.40 -7.27 20.34
C LEU A 181 -8.61 -8.23 20.56
N LEU A 182 -8.33 -9.49 20.97
CA LEU A 182 -9.34 -10.48 21.31
C LEU A 182 -10.21 -10.03 22.50
N ASP A 183 -9.59 -9.34 23.44
CA ASP A 183 -10.32 -8.80 24.60
C ASP A 183 -11.34 -7.78 24.13
N ASN A 184 -10.90 -6.92 23.20
CA ASN A 184 -11.78 -5.87 22.69
C ASN A 184 -12.90 -6.48 21.85
N VAL A 185 -12.58 -7.54 21.08
CA VAL A 185 -13.59 -8.29 20.32
C VAL A 185 -14.69 -8.85 21.28
N ALA A 186 -14.24 -9.49 22.37
CA ALA A 186 -15.19 -10.11 23.30
C ALA A 186 -16.10 -9.03 23.90
N LYS A 187 -15.54 -7.89 24.33
CA LYS A 187 -16.32 -6.81 24.98
C LYS A 187 -17.28 -6.01 24.07
N LEU A 188 -16.86 -5.84 22.82
CA LEU A 188 -17.71 -5.23 21.81
C LEU A 188 -18.89 -6.17 21.51
N LYS A 189 -18.62 -7.47 21.39
CA LYS A 189 -19.70 -8.41 21.09
C LYS A 189 -20.77 -8.34 22.18
N LYS A 190 -20.29 -8.39 23.43
CA LYS A 190 -21.10 -8.29 24.66
C LYS A 190 -21.87 -6.97 24.68
N ALA A 191 -21.26 -5.93 24.13
CA ALA A 191 -21.89 -4.60 24.06
C ALA A 191 -22.83 -4.36 22.86
N GLY A 192 -22.99 -5.35 21.98
CA GLY A 192 -23.92 -5.26 20.87
C GLY A 192 -23.36 -4.54 19.65
N VAL A 193 -22.03 -4.40 19.59
CA VAL A 193 -21.35 -3.60 18.55
C VAL A 193 -20.45 -4.54 17.77
N THR A 194 -20.49 -4.49 16.44
CA THR A 194 -19.63 -5.36 15.61
C THR A 194 -18.15 -4.99 15.89
N PRO A 195 -17.29 -5.97 16.22
CA PRO A 195 -15.96 -5.46 16.62
C PRO A 195 -15.22 -4.74 15.46
N PHE A 196 -15.26 -5.31 14.27
CA PHE A 196 -14.62 -4.67 13.08
C PHE A 196 -15.62 -4.49 11.93
N ALA A 197 -15.70 -3.26 11.40
CA ALA A 197 -16.22 -3.04 10.03
C ALA A 197 -15.40 -3.79 8.98
N LEU A 198 -16.05 -4.26 7.93
CA LEU A 198 -15.32 -5.08 6.92
C LEU A 198 -16.00 -4.99 5.54
N GLY A 199 -15.32 -4.41 4.54
CA GLY A 199 -15.88 -4.36 3.17
C GLY A 199 -15.64 -5.68 2.44
N GLY A 200 -16.45 -6.69 2.75
CA GLY A 200 -16.27 -7.99 2.12
C GLY A 200 -16.47 -7.95 0.61
N VAL A 201 -17.28 -7.05 0.11
CA VAL A 201 -17.55 -7.00 -1.34
C VAL A 201 -16.27 -7.00 -2.20
N GLU A 202 -15.37 -6.10 -1.84
CA GLU A 202 -14.15 -5.89 -2.60
C GLU A 202 -13.06 -6.91 -2.40
N ILE A 203 -13.19 -7.73 -1.35
CA ILE A 203 -12.27 -8.81 -0.96
C ILE A 203 -10.93 -8.23 -0.46
N TRP A 204 -10.36 -7.23 -1.13
CA TRP A 204 -9.04 -6.74 -0.66
C TRP A 204 -9.09 -6.22 0.80
N PRO A 205 -10.27 -5.70 1.32
CA PRO A 205 -10.35 -5.41 2.76
C PRO A 205 -10.19 -6.63 3.67
N GLU A 206 -10.59 -7.80 3.22
CA GLU A 206 -10.31 -9.08 3.91
C GLU A 206 -8.84 -9.44 3.84
N LEU A 207 -8.28 -9.25 2.64
CA LEU A 207 -6.86 -9.46 2.35
C LEU A 207 -5.96 -8.72 3.36
N MET A 208 -6.35 -7.51 3.77
CA MET A 208 -5.50 -6.73 4.73
C MET A 208 -5.27 -7.47 6.04
N TRP A 209 -6.25 -8.27 6.50
CA TRP A 209 -6.06 -9.02 7.78
C TRP A 209 -5.01 -10.10 7.62
N LEU A 210 -5.05 -10.83 6.50
CA LEU A 210 -4.10 -11.86 6.20
C LEU A 210 -2.70 -11.27 6.00
N GLU A 211 -2.63 -10.10 5.35
CA GLU A 211 -1.33 -9.48 5.15
C GLU A 211 -0.61 -9.18 6.47
N TYR A 212 -1.29 -8.53 7.41
CA TYR A 212 -0.67 -8.25 8.67
C TYR A 212 -0.42 -9.52 9.44
N LEU A 213 -1.39 -10.46 9.46
CA LEU A 213 -1.15 -11.68 10.21
C LEU A 213 0.06 -12.50 9.72
N VAL A 214 0.23 -12.68 8.40
CA VAL A 214 1.37 -13.43 7.91
C VAL A 214 2.67 -12.70 8.32
N ASP A 215 2.68 -11.38 8.20
CA ASP A 215 3.88 -10.62 8.55
C ASP A 215 4.17 -10.72 10.05
N ARG A 216 3.13 -10.50 10.86
CA ARG A 216 3.25 -10.66 12.35
C ARG A 216 3.71 -12.05 12.79
N ILE A 217 3.17 -13.07 12.14
CA ILE A 217 3.49 -14.47 12.52
C ILE A 217 4.82 -14.97 11.96
N GLY A 218 5.03 -14.85 10.65
CA GLY A 218 6.23 -15.44 10.03
C GLY A 218 7.33 -14.46 9.65
N GLY A 219 7.01 -13.18 9.74
CA GLY A 219 7.93 -12.11 9.32
C GLY A 219 7.81 -11.86 7.81
N PRO A 220 8.47 -10.80 7.29
CA PRO A 220 8.39 -10.43 5.86
C PRO A 220 8.99 -11.44 4.90
N GLN A 221 9.90 -12.30 5.34
CA GLN A 221 10.55 -13.31 4.44
C GLN A 221 9.52 -14.23 3.82
N VAL A 222 8.38 -14.43 4.48
CA VAL A 222 7.38 -15.44 4.04
C VAL A 222 6.72 -14.90 2.79
N PHE A 223 6.12 -13.71 2.89
CA PHE A 223 5.55 -13.14 1.67
C PHE A 223 6.55 -12.80 0.50
N ASP A 224 7.74 -12.36 0.87
CA ASP A 224 8.82 -12.10 -0.08
C ASP A 224 9.08 -13.27 -1.00
N LYS A 225 9.14 -14.46 -0.42
CA LYS A 225 9.39 -15.69 -1.16
C LYS A 225 8.23 -15.99 -2.13
N ILE A 226 7.02 -15.81 -1.64
CA ILE A 226 5.76 -15.94 -2.40
C ILE A 226 5.65 -14.94 -3.57
N ARG A 227 5.90 -13.67 -3.28
CA ARG A 227 5.71 -12.60 -4.33
C ARG A 227 6.73 -12.69 -5.42
N ASN A 228 7.91 -13.21 -5.11
CA ASN A 228 8.88 -13.48 -6.14
C ASN A 228 8.62 -14.82 -6.86
N GLY A 229 7.34 -15.21 -6.96
CA GLY A 229 6.84 -16.25 -7.89
C GLY A 229 6.92 -17.72 -7.49
N ASP A 230 7.37 -18.00 -6.26
CA ASP A 230 7.36 -19.38 -5.78
C ASP A 230 6.03 -19.73 -5.05
N ALA A 231 5.03 -20.29 -5.74
CA ALA A 231 3.76 -20.71 -5.07
C ALA A 231 3.94 -21.73 -3.91
N SER A 232 5.00 -22.53 -3.89
CA SER A 232 5.16 -23.45 -2.73
C SER A 232 5.38 -22.62 -1.47
N GLY A 233 5.75 -21.35 -1.63
CA GLY A 233 5.83 -20.40 -0.49
C GLY A 233 4.54 -20.24 0.32
N TRP A 234 3.40 -20.53 -0.31
CA TRP A 234 2.12 -20.46 0.36
C TRP A 234 2.00 -21.55 1.38
N GLY A 235 2.85 -22.59 1.23
CA GLY A 235 2.89 -23.68 2.20
C GLY A 235 3.62 -23.39 3.51
N ASP A 236 4.21 -22.19 3.63
CA ASP A 236 4.84 -21.78 4.86
C ASP A 236 3.88 -21.86 6.04
N PRO A 237 4.32 -22.42 7.19
CA PRO A 237 3.34 -22.51 8.29
C PRO A 237 2.64 -21.21 8.72
N ALA A 238 3.29 -20.03 8.56
CA ALA A 238 2.71 -18.75 8.96
C ALA A 238 1.47 -18.43 8.14
N VAL A 239 1.45 -18.90 6.90
CA VAL A 239 0.24 -18.70 6.07
C VAL A 239 -0.98 -19.47 6.63
N LEU A 240 -0.80 -20.76 6.93
CA LEU A 240 -1.87 -21.56 7.47
C LEU A 240 -2.31 -20.99 8.78
N LYS A 241 -1.35 -20.56 9.59
CA LYS A 241 -1.68 -19.99 10.90
C LYS A 241 -2.49 -18.71 10.81
N ALA A 242 -2.15 -17.89 9.82
CA ALA A 242 -2.87 -16.65 9.59
C ALA A 242 -4.28 -16.96 9.14
N ALA A 243 -4.37 -17.91 8.20
CA ALA A 243 -5.64 -18.38 7.73
C ALA A 243 -6.50 -18.96 8.90
N GLN A 244 -5.89 -19.71 9.82
CA GLN A 244 -6.66 -20.26 10.95
C GLN A 244 -7.12 -19.14 11.88
N THR A 245 -6.27 -18.12 12.02
CA THR A 245 -6.57 -16.99 12.87
C THR A 245 -7.73 -16.22 12.32
N VAL A 246 -7.70 -15.98 11.00
CA VAL A 246 -8.85 -15.32 10.33
C VAL A 246 -10.16 -16.12 10.51
N LYS A 247 -10.08 -17.43 10.33
CA LYS A 247 -11.26 -18.30 10.49
C LYS A 247 -11.78 -18.13 11.94
N GLN A 248 -10.87 -18.16 12.93
CA GLN A 248 -11.31 -18.01 14.32
C GLN A 248 -12.07 -16.68 14.50
N LEU A 249 -11.52 -15.59 14.00
CA LEU A 249 -12.16 -14.28 14.12
C LEU A 249 -13.55 -14.25 13.45
N VAL A 250 -13.66 -14.73 12.21
CA VAL A 250 -14.95 -14.79 11.50
C VAL A 250 -15.90 -15.69 12.33
N ASP A 251 -15.40 -16.89 12.67
CA ASP A 251 -16.22 -17.87 13.45
C ASP A 251 -16.72 -17.30 14.76
N GLU A 252 -15.91 -16.46 15.39
CA GLU A 252 -16.24 -15.82 16.68
C GLU A 252 -17.12 -14.56 16.54
N GLY A 253 -17.52 -14.21 15.32
CA GLY A 253 -18.34 -13.00 15.15
C GLY A 253 -17.61 -11.67 15.16
N ALA A 254 -16.30 -11.67 14.90
CA ALA A 254 -15.55 -10.43 14.97
C ALA A 254 -15.96 -9.43 13.86
N PHE A 255 -16.49 -9.95 12.74
CA PHE A 255 -16.92 -9.13 11.59
C PHE A 255 -18.44 -9.16 11.43
N GLY A 256 -19.12 -9.74 12.42
CA GLY A 256 -20.56 -9.88 12.34
C GLY A 256 -20.94 -10.89 11.31
N LYS A 257 -22.19 -10.77 10.85
CA LYS A 257 -22.78 -11.78 9.97
C LYS A 257 -22.92 -11.45 8.48
N GLY A 258 -23.09 -10.20 8.11
CA GLY A 258 -23.35 -10.01 6.66
C GLY A 258 -22.29 -9.18 5.93
N PHE A 259 -21.03 -9.33 6.34
CA PHE A 259 -19.94 -8.52 5.86
C PHE A 259 -19.66 -8.76 4.39
N SER A 260 -20.05 -9.92 3.88
CA SER A 260 -19.74 -10.22 2.51
C SER A 260 -20.63 -9.37 1.56
N SER A 261 -21.62 -8.69 2.11
CA SER A 261 -22.41 -7.84 1.25
C SER A 261 -22.16 -6.36 1.55
N VAL A 262 -21.15 -6.05 2.38
CA VAL A 262 -20.82 -4.67 2.73
C VAL A 262 -19.66 -4.26 1.84
N SER A 263 -19.79 -3.11 1.20
CA SER A 263 -18.76 -2.54 0.34
C SER A 263 -17.94 -1.45 1.04
N TYR A 264 -16.62 -1.45 0.80
CA TYR A 264 -15.82 -0.31 1.24
C TYR A 264 -16.06 0.91 0.30
N ASN A 265 -15.98 0.64 -0.99
CA ASN A 265 -15.94 1.72 -1.98
C ASN A 265 -17.20 2.48 -2.04
N ASN A 266 -18.37 1.89 -1.77
CA ASN A 266 -19.59 2.72 -1.73
C ASN A 266 -19.85 3.40 -0.35
N GLY A 267 -18.94 3.20 0.61
CA GLY A 267 -19.00 3.89 1.92
C GLY A 267 -19.66 3.04 3.03
N GLY A 268 -20.13 1.83 2.69
CA GLY A 268 -20.78 0.92 3.66
C GLY A 268 -19.89 0.64 4.90
N ALA A 269 -18.67 0.18 4.67
CA ALA A 269 -17.79 -0.13 5.78
C ALA A 269 -17.37 1.09 6.57
N PRO A 270 -16.92 2.19 5.90
CA PRO A 270 -16.55 3.40 6.68
C PRO A 270 -17.76 3.90 7.50
N ALA A 271 -18.96 3.88 6.89
CA ALA A 271 -20.20 4.28 7.59
C ALA A 271 -20.42 3.50 8.86
N LEU A 272 -20.21 2.17 8.84
CA LEU A 272 -20.35 1.32 10.04
C LEU A 272 -19.50 1.84 11.20
N LEU A 273 -18.24 2.19 10.90
CA LEU A 273 -17.35 2.75 11.91
C LEU A 273 -17.81 4.12 12.39
N ALA A 274 -18.12 4.98 11.42
CA ALA A 274 -18.50 6.36 11.69
C ALA A 274 -19.76 6.45 12.55
N LYS A 275 -20.61 5.46 12.37
CA LYS A 275 -21.93 5.44 13.06
C LYS A 275 -21.89 4.77 14.41
N GLY A 276 -20.75 4.17 14.73
CA GLY A 276 -20.50 3.45 15.98
C GLY A 276 -21.18 2.12 16.00
N LYS A 277 -21.57 1.61 14.83
CA LYS A 277 -22.03 0.24 14.65
C LYS A 277 -20.89 -0.79 14.70
N ALA A 278 -19.67 -0.32 14.40
CA ALA A 278 -18.45 -1.11 14.59
C ALA A 278 -17.44 -0.30 15.39
N GLY A 279 -16.54 -0.98 16.06
CA GLY A 279 -15.62 -0.27 16.89
C GLY A 279 -14.27 -0.05 16.24
N MET A 280 -13.87 -0.97 15.37
CA MET A 280 -12.57 -0.86 14.63
C MET A 280 -12.69 -1.14 13.14
N HIS A 281 -11.63 -0.80 12.37
CA HIS A 281 -11.65 -0.96 10.92
C HIS A 281 -10.19 -1.01 10.46
N LEU A 282 -9.77 -2.16 9.95
CA LEU A 282 -8.39 -2.23 9.44
C LEU A 282 -8.42 -1.68 8.00
N MET A 283 -7.67 -0.60 7.73
CA MET A 283 -7.76 0.03 6.43
C MET A 283 -6.52 0.83 6.02
N GLY A 284 -6.25 0.88 4.72
CA GLY A 284 -5.23 1.82 4.17
C GLY A 284 -5.50 3.19 4.72
N SER A 285 -4.43 4.02 4.77
CA SER A 285 -4.48 5.30 5.48
C SER A 285 -5.44 6.32 4.79
N TRP A 286 -5.87 5.99 3.56
CA TRP A 286 -6.90 6.82 2.86
C TRP A 286 -8.25 6.76 3.61
N GLU A 287 -8.39 5.86 4.59
CA GLU A 287 -9.61 5.86 5.43
C GLU A 287 -9.84 7.21 6.08
N TYR A 288 -8.76 7.93 6.46
CA TYR A 288 -8.96 9.26 7.05
C TYR A 288 -9.66 10.25 6.06
N SER A 289 -9.14 10.36 4.85
CA SER A 289 -9.82 11.14 3.79
C SER A 289 -11.22 10.62 3.44
N THR A 290 -11.42 9.31 3.45
CA THR A 290 -12.77 8.78 3.19
C THR A 290 -13.74 9.28 4.29
N GLN A 291 -13.30 9.17 5.54
CA GLN A 291 -14.16 9.59 6.66
C GLN A 291 -14.38 11.12 6.59
N LEU A 292 -13.30 11.85 6.33
CA LEU A 292 -13.40 13.32 6.27
C LEU A 292 -14.42 13.79 5.21
N GLY A 293 -14.44 13.16 4.05
CA GLY A 293 -15.35 13.54 2.98
C GLY A 293 -16.79 13.04 3.23
N LYS A 294 -16.96 11.94 3.97
CA LYS A 294 -18.31 11.39 4.18
C LYS A 294 -18.95 11.70 5.55
N PHE A 295 -18.11 11.72 6.62
CA PHE A 295 -18.51 11.89 8.03
C PHE A 295 -17.55 12.88 8.71
N PRO A 296 -17.49 14.12 8.22
CA PRO A 296 -16.38 15.03 8.65
C PRO A 296 -16.28 15.25 10.20
N ASP A 297 -17.42 15.34 10.89
CA ASP A 297 -17.39 15.56 12.34
C ASP A 297 -16.77 14.36 13.05
N PHE A 298 -17.19 13.15 12.65
CA PHE A 298 -16.58 11.93 13.16
C PHE A 298 -15.07 11.89 12.85
N ALA A 299 -14.68 12.21 11.60
CA ALA A 299 -13.25 12.20 11.19
C ALA A 299 -12.38 13.10 12.08
N LYS A 300 -12.91 14.27 12.42
CA LYS A 300 -12.12 15.29 13.12
C LYS A 300 -12.10 15.07 14.63
N LYS A 301 -13.10 14.36 15.13
CA LYS A 301 -13.30 14.24 16.59
C LYS A 301 -13.08 12.83 17.12
N ASP A 302 -13.67 11.83 16.46
CA ASP A 302 -13.75 10.53 17.06
C ASP A 302 -13.04 9.39 16.30
N LEU A 303 -12.31 9.72 15.24
CA LEU A 303 -11.54 8.73 14.52
C LEU A 303 -10.16 8.54 15.16
N GLY A 304 -9.84 7.32 15.58
CA GLY A 304 -8.48 7.08 16.09
C GLY A 304 -7.72 6.15 15.14
N TRP A 305 -6.40 6.04 15.30
CA TRP A 305 -5.66 5.06 14.53
C TRP A 305 -4.54 4.54 15.42
N CYS A 306 -4.15 3.30 15.16
CA CYS A 306 -3.02 2.66 15.82
C CYS A 306 -2.39 1.66 14.87
N ALA A 307 -1.20 1.16 15.23
CA ALA A 307 -0.58 0.10 14.45
C ALA A 307 -1.30 -1.21 14.68
N PHE A 308 -1.22 -2.05 13.69
CA PHE A 308 -1.64 -3.44 13.88
C PHE A 308 -0.85 -4.06 15.07
N PRO A 309 -1.57 -4.73 15.97
CA PRO A 309 -0.90 -5.16 17.24
C PRO A 309 0.20 -6.21 17.00
N SER A 310 1.02 -6.49 18.02
CA SER A 310 1.90 -7.66 18.01
C SER A 310 1.11 -8.98 18.14
N PHE A 311 1.79 -10.11 17.90
CA PHE A 311 1.13 -11.40 17.94
C PHE A 311 1.98 -12.38 18.73
N GLU A 312 1.41 -12.97 19.77
CA GLU A 312 2.26 -13.76 20.72
C GLU A 312 3.04 -14.94 20.08
N GLY A 313 4.37 -14.87 20.16
CA GLY A 313 5.22 -15.92 19.54
C GLY A 313 5.48 -15.73 18.05
N GLY A 314 5.03 -14.61 17.48
CA GLY A 314 5.31 -14.32 16.07
C GLY A 314 6.74 -13.92 15.81
N ALA A 315 7.23 -14.22 14.61
CA ALA A 315 8.58 -13.85 14.16
C ALA A 315 8.67 -12.41 13.67
N GLY A 316 7.53 -11.78 13.36
CA GLY A 316 7.62 -10.51 12.62
C GLY A 316 8.09 -9.41 13.56
N ASP A 317 8.96 -8.51 13.06
CA ASP A 317 9.16 -7.29 13.89
C ASP A 317 7.81 -6.61 13.97
N ILE A 318 7.33 -6.30 15.16
CA ILE A 318 6.04 -5.66 15.32
C ILE A 318 5.87 -4.21 14.79
N ARG A 319 6.97 -3.56 14.33
CA ARG A 319 6.91 -2.20 13.67
C ARG A 319 6.70 -2.31 12.14
N ASN A 320 6.79 -3.51 11.59
CA ASN A 320 6.64 -3.73 10.12
C ASN A 320 5.25 -3.28 9.64
N VAL A 321 5.17 -2.72 8.46
CA VAL A 321 3.98 -2.18 7.91
C VAL A 321 3.62 -2.91 6.59
N VAL A 322 2.35 -2.91 6.22
CA VAL A 322 1.96 -3.37 4.89
C VAL A 322 1.07 -2.31 4.28
N GLY A 323 1.01 -2.27 2.96
CA GLY A 323 0.04 -1.34 2.31
C GLY A 323 0.64 -0.86 1.01
N ASN A 324 0.37 0.41 0.65
CA ASN A 324 0.85 1.02 -0.60
C ASN A 324 2.11 1.80 -0.25
N PRO A 325 3.29 1.32 -0.67
CA PRO A 325 4.51 2.03 -0.24
C PRO A 325 4.68 3.41 -0.89
N CYS A 326 4.05 3.58 -2.06
CA CYS A 326 4.16 4.78 -2.85
C CYS A 326 3.77 4.27 -4.23
N ASN A 327 3.54 5.14 -5.14
CA ASN A 327 3.62 4.56 -6.50
C ASN A 327 5.05 4.80 -7.00
N TYR A 328 5.42 4.25 -8.14
CA TYR A 328 6.79 4.40 -8.65
C TYR A 328 6.87 4.89 -10.07
N TRP A 329 7.99 5.55 -10.41
CA TRP A 329 8.42 5.59 -11.82
C TRP A 329 9.35 4.45 -12.12
N SER A 330 9.13 3.78 -13.24
CA SER A 330 10.21 2.96 -13.82
C SER A 330 10.68 3.50 -15.17
N VAL A 331 11.84 3.02 -15.65
CA VAL A 331 12.50 3.57 -16.85
C VAL A 331 12.56 2.50 -17.94
N ASN A 332 12.14 2.86 -19.15
CA ASN A 332 12.12 1.91 -20.24
C ASN A 332 13.59 1.67 -20.63
N ALA A 333 13.99 0.41 -20.81
CA ALA A 333 15.38 0.07 -21.26
C ALA A 333 15.80 0.73 -22.61
N ARG A 334 14.83 0.99 -23.46
CA ARG A 334 15.06 1.48 -24.83
C ARG A 334 15.02 3.01 -24.94
N THR A 335 14.91 3.71 -23.81
CA THR A 335 14.88 5.17 -23.85
C THR A 335 16.15 5.78 -24.41
N GLY A 336 15.95 6.76 -25.29
CA GLY A 336 17.06 7.45 -25.91
C GLY A 336 17.75 8.38 -24.96
N ASN A 337 17.04 8.92 -23.93
CA ASN A 337 17.70 9.88 -23.00
C ASN A 337 17.70 9.40 -21.52
N LYS A 338 18.44 8.32 -21.23
CA LYS A 338 18.54 7.78 -19.86
C LYS A 338 18.98 8.84 -18.83
N ASP A 339 20.00 9.65 -19.16
CA ASP A 339 20.48 10.66 -18.21
C ASP A 339 19.45 11.71 -17.87
N GLY A 340 18.65 12.12 -18.86
CA GLY A 340 17.57 13.13 -18.62
C GLY A 340 16.51 12.49 -17.72
N ALA A 341 16.26 11.21 -17.97
CA ALA A 341 15.22 10.45 -17.26
C ALA A 341 15.59 10.31 -15.77
N ILE A 342 16.82 9.89 -15.45
CA ILE A 342 17.33 9.86 -14.09
C ILE A 342 17.38 11.25 -13.48
N ALA A 343 17.70 12.28 -14.27
CA ALA A 343 17.66 13.63 -13.71
C ALA A 343 16.23 13.97 -13.26
N PHE A 344 15.24 13.57 -14.06
CA PHE A 344 13.84 13.86 -13.64
C PHE A 344 13.46 13.08 -12.38
N LEU A 345 13.95 11.84 -12.28
CA LEU A 345 13.74 11.01 -11.06
C LEU A 345 14.38 11.60 -9.82
N ARG A 346 15.46 12.33 -10.00
CA ARG A 346 16.06 12.94 -8.85
C ARG A 346 15.17 14.02 -8.32
N ASP A 347 14.36 14.63 -9.18
CA ASP A 347 13.43 15.64 -8.67
C ASP A 347 12.42 15.00 -7.63
N CYS A 348 12.15 13.69 -7.71
CA CYS A 348 11.20 12.98 -6.76
C CYS A 348 11.71 13.04 -5.34
N ALA A 349 13.01 13.29 -5.18
CA ALA A 349 13.58 13.33 -3.80
C ALA A 349 13.69 14.77 -3.24
N SER A 350 13.39 15.73 -4.10
CA SER A 350 13.63 17.14 -3.80
C SER A 350 12.68 17.77 -2.75
N GLU A 351 13.14 18.85 -2.08
CA GLU A 351 12.27 19.59 -1.19
C GLU A 351 10.97 20.06 -1.89
N ALA A 352 11.10 20.55 -3.14
CA ALA A 352 9.94 21.17 -3.85
C ALA A 352 8.94 20.09 -4.18
N TYR A 353 9.43 18.88 -4.53
CA TYR A 353 8.51 17.75 -4.86
C TYR A 353 7.81 17.33 -3.59
N THR A 354 8.59 17.22 -2.53
CA THR A 354 8.06 16.87 -1.23
C THR A 354 6.98 17.84 -0.73
N LYS A 355 7.26 19.14 -0.88
CA LYS A 355 6.30 20.16 -0.51
C LYS A 355 4.99 19.98 -1.33
N ASP A 356 5.09 19.76 -2.63
CA ASP A 356 3.86 19.56 -3.46
C ASP A 356 3.01 18.38 -2.98
N LEU A 357 3.65 17.23 -2.71
CA LEU A 357 2.94 16.09 -2.14
C LEU A 357 2.30 16.42 -0.81
N ILE A 358 3.06 17.07 0.10
CA ILE A 358 2.50 17.49 1.42
C ILE A 358 1.31 18.44 1.26
N ASP A 359 1.44 19.44 0.39
CA ASP A 359 0.30 20.35 0.16
C ASP A 359 -0.86 19.63 -0.46
N ASN A 360 -0.61 18.52 -1.15
CA ASN A 360 -1.71 17.67 -1.65
C ASN A 360 -2.39 16.76 -0.59
N GLY A 361 -1.89 16.75 0.64
CA GLY A 361 -2.50 15.94 1.69
C GLY A 361 -1.84 14.57 1.68
N ASP A 362 -0.75 14.39 0.93
CA ASP A 362 -0.06 13.08 0.96
C ASP A 362 1.10 13.02 1.94
N VAL A 363 1.55 11.81 2.28
CA VAL A 363 2.67 11.66 3.18
C VAL A 363 3.83 11.18 2.31
N PRO A 364 4.81 12.09 2.04
CA PRO A 364 5.89 11.70 1.15
C PRO A 364 6.76 10.66 1.78
N THR A 365 7.55 10.01 0.93
CA THR A 365 8.43 8.90 1.34
C THR A 365 9.87 9.37 1.26
N THR A 366 10.02 10.65 1.05
CA THR A 366 11.37 11.24 1.03
C THR A 366 11.97 11.44 2.44
N THR A 367 13.31 11.42 2.48
CA THR A 367 13.99 11.66 3.73
C THR A 367 13.89 13.13 4.08
N ILE A 368 13.81 14.00 3.07
CA ILE A 368 13.74 15.45 3.31
C ILE A 368 12.38 15.84 3.96
N ALA A 369 11.36 14.99 3.83
CA ALA A 369 10.05 15.26 4.39
C ALA A 369 10.08 15.28 5.91
N GLU A 370 11.07 14.64 6.51
CA GLU A 370 10.94 14.36 7.96
C GLU A 370 10.62 15.59 8.85
N ASN A 371 11.15 16.77 8.46
CA ASN A 371 10.92 17.98 9.23
C ASN A 371 10.02 18.98 8.52
N MET A 372 9.29 18.53 7.50
CA MET A 372 8.43 19.41 6.70
C MET A 372 6.95 19.17 6.95
N LEU A 373 6.60 18.23 7.83
CA LEU A 373 5.20 17.76 7.92
C LEU A 373 4.21 18.77 8.61
N ASP A 374 4.75 19.82 9.24
CA ASP A 374 3.84 20.83 9.83
C ASP A 374 2.95 21.52 8.81
N SER A 375 3.33 21.53 7.52
CA SER A 375 2.45 22.15 6.51
C SER A 375 1.42 21.20 5.86
N SER A 376 1.35 19.95 6.31
CA SER A 376 0.29 19.02 5.90
C SER A 376 -1.03 19.59 6.30
N PRO A 377 -2.10 19.37 5.52
CA PRO A 377 -3.47 19.66 6.05
C PRO A 377 -3.83 18.92 7.32
N ASN A 378 -3.28 17.71 7.55
CA ASN A 378 -3.45 17.02 8.88
C ASN A 378 -2.09 16.55 9.43
N PRO A 379 -1.41 17.46 10.14
CA PRO A 379 -0.02 17.12 10.44
C PRO A 379 0.07 15.99 11.45
N GLU A 380 -0.85 15.94 12.42
CA GLU A 380 -0.80 14.82 13.36
C GLU A 380 -0.90 13.47 12.67
N PHE A 381 -1.87 13.28 11.77
CA PHE A 381 -2.02 12.00 11.07
C PHE A 381 -0.85 11.75 10.10
N ALA A 382 -0.38 12.80 9.44
CA ALA A 382 0.77 12.63 8.51
C ALA A 382 2.01 12.18 9.31
N LYS A 383 2.27 12.87 10.43
CA LYS A 383 3.47 12.54 11.22
C LYS A 383 3.34 11.14 11.81
N PHE A 384 2.14 10.78 12.27
CA PHE A 384 1.92 9.39 12.69
C PHE A 384 2.34 8.37 11.63
N GLN A 385 1.84 8.53 10.40
CA GLN A 385 2.26 7.66 9.34
C GLN A 385 3.77 7.72 9.01
N TYR A 386 4.29 8.92 8.85
CA TYR A 386 5.67 8.97 8.44
C TYR A 386 6.58 8.37 9.53
N GLN A 387 6.35 8.73 10.79
CA GLN A 387 7.19 8.09 11.88
C GLN A 387 7.01 6.56 11.96
N LEU A 388 5.77 6.08 11.79
CA LEU A 388 5.51 4.65 11.77
C LEU A 388 6.34 3.98 10.68
N VAL A 389 6.33 4.52 9.49
CA VAL A 389 7.07 3.87 8.42
C VAL A 389 8.57 4.05 8.56
N GLN A 390 8.99 5.25 8.97
CA GLN A 390 10.44 5.54 9.14
C GLN A 390 11.13 4.50 10.05
N LYS A 391 10.41 4.05 11.07
CA LYS A 391 11.00 3.11 12.05
C LYS A 391 10.84 1.63 11.67
N ALA A 392 10.05 1.36 10.63
CA ALA A 392 9.77 -0.02 10.21
C ALA A 392 10.94 -0.71 9.56
N PRO A 393 11.29 -1.91 10.02
CA PRO A 393 12.26 -2.60 9.24
C PRO A 393 11.78 -2.93 7.82
N ASN A 394 10.48 -3.24 7.66
CA ASN A 394 9.99 -3.59 6.33
C ASN A 394 8.63 -2.96 5.99
N PHE A 395 8.44 -2.60 4.73
CA PHE A 395 7.16 -2.19 4.25
C PHE A 395 6.77 -3.19 3.16
N THR A 396 5.68 -3.95 3.33
CA THR A 396 5.33 -4.96 2.35
C THR A 396 4.23 -4.37 1.48
N LEU A 397 4.48 -4.39 0.18
CA LEU A 397 3.49 -4.05 -0.80
C LEU A 397 2.23 -4.93 -0.73
N SER A 398 1.04 -4.31 -0.76
CA SER A 398 -0.25 -5.08 -0.68
C SER A 398 -0.19 -6.28 -1.62
N TRP A 399 -0.60 -7.47 -1.13
CA TRP A 399 -0.31 -8.68 -1.93
C TRP A 399 -0.99 -8.62 -3.30
N ASP A 400 -2.12 -7.89 -3.41
CA ASP A 400 -2.80 -7.86 -4.71
C ASP A 400 -2.06 -7.10 -5.81
N GLN A 401 -1.14 -6.22 -5.41
CA GLN A 401 -0.26 -5.50 -6.32
C GLN A 401 1.07 -6.20 -6.45
N ALA A 402 1.46 -6.93 -5.41
CA ALA A 402 2.78 -7.51 -5.34
C ALA A 402 2.84 -8.87 -6.14
N VAL A 403 1.75 -9.65 -6.13
CA VAL A 403 1.81 -10.97 -6.77
C VAL A 403 1.80 -10.74 -8.27
N ASP A 404 2.29 -11.73 -9.01
CA ASP A 404 2.09 -11.83 -10.45
C ASP A 404 0.66 -11.42 -10.79
N PRO A 405 0.46 -10.59 -11.83
CA PRO A 405 -0.93 -10.17 -12.12
C PRO A 405 -1.94 -11.29 -12.31
N ASP A 406 -1.50 -12.43 -12.87
CA ASP A 406 -2.38 -13.59 -13.13
C ASP A 406 -2.63 -14.46 -11.89
N TRP A 407 -2.01 -14.09 -10.77
CA TRP A 407 -2.44 -14.62 -9.46
C TRP A 407 -3.45 -13.74 -8.78
N GLN A 408 -3.58 -12.49 -9.19
CA GLN A 408 -4.41 -11.54 -8.37
C GLN A 408 -5.85 -11.96 -8.15
N GLN A 409 -6.57 -12.24 -9.25
CA GLN A 409 -7.96 -12.68 -9.07
C GLN A 409 -8.15 -14.03 -8.43
N PRO A 410 -7.39 -15.03 -8.86
CA PRO A 410 -7.49 -16.30 -8.18
C PRO A 410 -7.19 -16.22 -6.69
N MET A 411 -6.14 -15.47 -6.30
CA MET A 411 -5.91 -15.24 -4.86
C MET A 411 -7.08 -14.60 -4.09
N LEU A 412 -7.66 -13.54 -4.65
CA LEU A 412 -8.77 -12.85 -4.01
C LEU A 412 -10.01 -13.79 -3.91
N THR A 413 -10.24 -14.55 -4.96
CA THR A 413 -11.30 -15.58 -4.88
C THR A 413 -11.09 -16.52 -3.70
N GLU A 414 -9.88 -17.04 -3.53
CA GLU A 414 -9.61 -18.00 -2.44
C GLU A 414 -9.69 -17.31 -1.09
N ILE A 415 -9.24 -16.05 -1.04
CA ILE A 415 -9.42 -15.23 0.20
C ILE A 415 -10.90 -15.10 0.58
N ASN A 416 -11.70 -14.74 -0.39
CA ASN A 416 -13.13 -14.64 -0.16
C ASN A 416 -13.71 -15.98 0.36
N LYS A 417 -13.36 -17.10 -0.30
CA LYS A 417 -13.87 -18.43 0.12
C LYS A 417 -13.54 -18.73 1.58
N LEU A 418 -12.30 -18.44 1.98
CA LEU A 418 -11.92 -18.59 3.37
C LEU A 418 -12.77 -17.75 4.32
N PHE A 419 -12.92 -16.45 4.07
CA PHE A 419 -13.73 -15.61 4.90
C PHE A 419 -15.19 -16.03 5.04
N VAL A 420 -15.79 -16.52 3.95
CA VAL A 420 -17.21 -16.90 3.94
C VAL A 420 -17.43 -18.39 4.32
N GLY A 421 -16.37 -19.04 4.75
CA GLY A 421 -16.46 -20.44 5.19
C GLY A 421 -16.46 -21.48 4.08
N LYS A 422 -16.32 -21.07 2.82
CA LYS A 422 -16.31 -22.01 1.68
C LYS A 422 -15.05 -22.82 1.58
N SER A 423 -14.01 -22.35 2.27
CA SER A 423 -12.74 -23.08 2.35
C SER A 423 -12.25 -23.13 3.78
N SER A 424 -11.66 -24.26 4.15
CA SER A 424 -10.94 -24.36 5.42
C SER A 424 -9.57 -23.70 5.21
N PRO A 425 -8.89 -23.32 6.29
CA PRO A 425 -7.54 -22.83 6.17
C PRO A 425 -6.65 -23.78 5.30
N GLU A 426 -6.73 -25.09 5.51
CA GLU A 426 -5.93 -26.04 4.72
C GLU A 426 -6.28 -26.01 3.23
N GLN A 427 -7.57 -25.96 2.91
CA GLN A 427 -8.00 -25.90 1.50
C GLN A 427 -7.51 -24.58 0.84
N PHE A 428 -7.60 -23.49 1.59
CA PHE A 428 -7.11 -22.17 1.16
C PHE A 428 -5.64 -22.27 0.78
N VAL A 429 -4.81 -22.78 1.68
CA VAL A 429 -3.38 -23.02 1.39
C VAL A 429 -3.17 -23.96 0.14
N SER A 430 -3.91 -25.09 0.08
CA SER A 430 -3.80 -25.99 -1.06
C SER A 430 -4.08 -25.28 -2.36
N ALA A 431 -5.18 -24.51 -2.42
CA ALA A 431 -5.53 -23.75 -3.62
C ALA A 431 -4.42 -22.83 -4.06
N LEU A 432 -3.89 -22.01 -3.16
CA LEU A 432 -2.83 -21.07 -3.50
C LEU A 432 -1.52 -21.76 -3.89
N LYS A 433 -1.22 -22.91 -3.30
CA LYS A 433 0.01 -23.63 -3.67
C LYS A 433 -0.09 -24.11 -5.11
N GLY A 434 -1.30 -24.17 -5.66
CA GLY A 434 -1.47 -24.71 -7.02
C GLY A 434 -1.29 -23.63 -8.07
N LEU A 435 -1.06 -22.37 -7.66
CA LEU A 435 -0.84 -21.24 -8.57
C LEU A 435 0.40 -21.40 -9.42
N LYS A 436 0.34 -20.96 -10.66
CA LYS A 436 1.42 -21.15 -11.63
C LYS A 436 2.02 -19.83 -12.12
#